data_4MG5
#
_entry.id   4MG5
#
_cell.length_a   54.700
_cell.length_b   81.780
_cell.length_c   58.560
_cell.angle_alpha   90.000
_cell.angle_beta   110.280
_cell.angle_gamma   90.000
#
_symmetry.space_group_name_H-M   'P 1 21 1'
#
loop_
_entity.id
_entity.type
_entity.pdbx_description
1 polymer 'Estrogen receptor'
2 polymer 'Nuclear receptor coactivator 1'
3 non-polymer GLYCEROL
4 non-polymer chlordecone
5 water water
#
loop_
_entity_poly.entity_id
_entity_poly.type
_entity_poly.pdbx_seq_one_letter_code
_entity_poly.pdbx_strand_id
1 'polypeptide(L)'
;GSHMKKNSLALSLTADQMVSALLDAEPPILYSEYDPTRPFSEASMMGLLTNLADRELVHMINWAKRVPGFVDLTLHDQVH
LLE(CSO)AWLEILMIGLVWRSMEHPGKLLFAPNLLLDRNQGKCVEGMVEIFDMLLATSSRFRMMNLQGEEFVCLKSIIL
LNSGVYTFLSSTLKSLEEKDHIHRVLDKITDTLIHLMAKAGLTLQQQHQRLAQLLLILSHIRHMSNKGMEHLYSMK
(CSO)KNVVPLSDLLLEMLDAHRLHAP
;
A,B
2 'polypeptide(L)' RHKILHRLLQEGS C,D
#
# COMPACT_ATOMS: atom_id res chain seq x y z
N SER A 8 18.35 23.02 -6.82
CA SER A 8 17.69 21.87 -7.42
C SER A 8 16.64 22.31 -8.44
N LEU A 9 16.77 21.79 -9.67
CA LEU A 9 15.81 22.11 -10.72
C LEU A 9 14.42 21.61 -10.38
N ALA A 10 14.34 20.41 -9.78
CA ALA A 10 13.04 19.78 -9.51
C ALA A 10 12.15 20.69 -8.67
N LEU A 11 12.71 21.29 -7.61
CA LEU A 11 11.89 22.02 -6.65
C LEU A 11 11.35 23.33 -7.20
N SER A 12 11.98 23.91 -8.23
CA SER A 12 11.48 25.17 -8.78
C SER A 12 10.47 24.98 -9.90
N LEU A 13 10.21 23.75 -10.32
CA LEU A 13 9.31 23.52 -11.44
C LEU A 13 7.91 24.03 -11.12
N THR A 14 7.23 24.53 -12.15
CA THR A 14 5.83 24.88 -11.98
C THR A 14 4.97 23.64 -12.24
N ALA A 15 3.68 23.75 -11.89
CA ALA A 15 2.77 22.64 -12.06
C ALA A 15 2.69 22.20 -13.53
N ASP A 16 2.60 23.16 -14.45
CA ASP A 16 2.52 22.80 -15.86
C ASP A 16 3.82 22.23 -16.38
N GLN A 17 4.96 22.71 -15.88
CA GLN A 17 6.25 22.16 -16.29
C GLN A 17 6.46 20.76 -15.73
N MET A 18 5.98 20.51 -14.51
CA MET A 18 6.04 19.16 -13.95
C MET A 18 5.26 18.18 -14.83
N VAL A 19 4.00 18.52 -15.16
CA VAL A 19 3.20 17.69 -16.06
C VAL A 19 3.94 17.50 -17.38
N SER A 20 4.43 18.60 -17.96
CA SER A 20 5.13 18.51 -19.24
CA SER A 20 5.14 18.52 -19.24
C SER A 20 6.35 17.61 -19.14
N ALA A 21 7.16 17.77 -18.09
CA ALA A 21 8.35 16.92 -17.93
C ALA A 21 7.98 15.46 -17.75
N LEU A 22 6.90 15.18 -17.02
CA LEU A 22 6.50 13.79 -16.79
C LEU A 22 5.93 13.18 -18.06
N LEU A 23 5.15 13.96 -18.82
CA LEU A 23 4.61 13.47 -20.08
C LEU A 23 5.71 13.23 -21.11
N ASP A 24 6.74 14.08 -21.14
CA ASP A 24 7.81 13.89 -22.13
C ASP A 24 8.72 12.70 -21.79
N ALA A 25 8.74 12.26 -20.54
CA ALA A 25 9.62 11.18 -20.11
C ALA A 25 8.97 9.81 -20.24
N GLU A 26 7.69 9.76 -20.64
CA GLU A 26 6.96 8.50 -20.73
C GLU A 26 7.71 7.50 -21.60
N PRO A 27 8.00 6.30 -21.10
CA PRO A 27 8.65 5.28 -21.93
C PRO A 27 7.72 4.79 -23.03
N PRO A 28 8.23 4.05 -24.00
CA PRO A 28 7.36 3.57 -25.09
C PRO A 28 6.62 2.29 -24.73
N ILE A 29 5.60 2.00 -25.51
CA ILE A 29 4.88 0.74 -25.38
C ILE A 29 5.57 -0.28 -26.28
N LEU A 30 5.97 -1.39 -25.71
CA LEU A 30 6.79 -2.37 -26.41
C LEU A 30 5.93 -3.53 -26.89
N TYR A 31 6.45 -4.27 -27.87
CA TYR A 31 5.75 -5.41 -28.41
C TYR A 31 6.30 -6.70 -27.78
N SER A 32 5.43 -7.70 -27.64
CA SER A 32 5.84 -9.02 -27.21
C SER A 32 6.28 -9.83 -28.43
N GLU A 33 6.65 -11.10 -28.19
CA GLU A 33 6.91 -12.04 -29.29
C GLU A 33 5.72 -12.95 -29.55
N TYR A 34 4.53 -12.57 -29.05
CA TYR A 34 3.35 -13.41 -29.18
C TYR A 34 3.05 -13.72 -30.64
N ASP A 35 2.76 -14.98 -30.91
CA ASP A 35 2.42 -15.46 -32.25
C ASP A 35 1.08 -16.17 -32.16
N PRO A 36 0.00 -15.57 -32.66
CA PRO A 36 -1.33 -16.20 -32.55
C PRO A 36 -1.37 -17.64 -33.05
N THR A 37 -0.57 -17.96 -34.06
CA THR A 37 -0.55 -19.31 -34.62
C THR A 37 0.28 -20.27 -33.79
N ARG A 38 1.22 -19.77 -33.00
CA ARG A 38 2.09 -20.63 -32.19
C ARG A 38 1.37 -21.06 -30.92
N PRO A 39 1.38 -22.36 -30.60
CA PRO A 39 0.79 -22.81 -29.34
C PRO A 39 1.61 -22.34 -28.16
N PHE A 40 0.92 -21.82 -27.15
CA PHE A 40 1.57 -21.34 -25.93
C PHE A 40 1.23 -22.31 -24.81
N SER A 41 2.27 -22.81 -24.15
CA SER A 41 2.07 -23.59 -22.93
C SER A 41 1.77 -22.64 -21.78
N GLU A 42 1.63 -23.20 -20.58
CA GLU A 42 1.69 -22.38 -19.39
C GLU A 42 3.01 -21.64 -19.32
N ALA A 43 4.11 -22.32 -19.65
CA ALA A 43 5.43 -21.73 -19.49
C ALA A 43 5.72 -20.67 -20.55
N SER A 44 5.51 -21.01 -21.83
CA SER A 44 5.93 -20.11 -22.90
C SER A 44 5.19 -18.77 -22.83
N MET A 45 3.90 -18.79 -22.50
CA MET A 45 3.17 -17.54 -22.27
C MET A 45 3.80 -16.73 -21.14
N MET A 46 4.33 -17.43 -20.13
CA MET A 46 5.06 -16.80 -19.04
C MET A 46 6.46 -16.35 -19.46
N GLY A 47 7.09 -17.09 -20.37
CA GLY A 47 8.34 -16.61 -20.93
C GLY A 47 8.15 -15.33 -21.73
N LEU A 48 7.03 -15.24 -22.46
CA LEU A 48 6.72 -14.01 -23.20
C LEU A 48 6.56 -12.83 -22.27
N LEU A 49 5.82 -13.01 -21.17
CA LEU A 49 5.52 -11.90 -20.27
C LEU A 49 6.75 -11.46 -19.48
N THR A 50 7.56 -12.42 -19.05
CA THR A 50 8.79 -12.08 -18.35
C THR A 50 9.84 -11.50 -19.32
N ASN A 51 9.87 -11.99 -20.57
CA ASN A 51 10.69 -11.36 -21.59
C ASN A 51 10.30 -9.88 -21.74
N LEU A 52 9.00 -9.61 -21.83
CA LEU A 52 8.52 -8.24 -21.97
C LEU A 52 8.89 -7.39 -20.75
N ALA A 53 8.60 -7.89 -19.54
CA ALA A 53 8.90 -7.13 -18.34
C ALA A 53 10.37 -6.74 -18.27
N ASP A 54 11.26 -7.68 -18.62
CA ASP A 54 12.70 -7.40 -18.61
C ASP A 54 13.05 -6.26 -19.57
N ARG A 55 12.49 -6.26 -20.78
CA ARG A 55 12.75 -5.15 -21.69
C ARG A 55 12.15 -3.85 -21.16
N GLU A 56 10.98 -3.91 -20.51
CA GLU A 56 10.38 -2.69 -19.98
C GLU A 56 11.19 -2.13 -18.83
N LEU A 57 11.84 -3.00 -18.05
CA LEU A 57 12.64 -2.54 -16.92
C LEU A 57 13.79 -1.65 -17.39
N VAL A 58 14.36 -1.97 -18.55
CA VAL A 58 15.45 -1.14 -19.07
C VAL A 58 14.95 0.27 -19.37
N HIS A 59 13.78 0.38 -20.00
CA HIS A 59 13.19 1.70 -20.26
C HIS A 59 12.75 2.38 -18.98
N MET A 60 12.25 1.60 -18.02
CA MET A 60 11.86 2.18 -16.73
C MET A 60 13.05 2.84 -16.05
N ILE A 61 14.20 2.13 -16.02
CA ILE A 61 15.38 2.70 -15.36
C ILE A 61 15.72 4.04 -15.99
N ASN A 62 15.72 4.11 -17.31
CA ASN A 62 16.05 5.38 -17.94
CA ASN A 62 16.02 5.36 -18.01
C ASN A 62 14.92 6.38 -17.84
N TRP A 63 13.66 5.92 -17.68
CA TRP A 63 12.58 6.85 -17.37
C TRP A 63 12.77 7.47 -15.99
N ALA A 64 13.20 6.67 -15.02
CA ALA A 64 13.36 7.16 -13.65
C ALA A 64 14.32 8.35 -13.60
N LYS A 65 15.39 8.30 -14.41
CA LYS A 65 16.37 9.38 -14.46
C LYS A 65 15.76 10.71 -14.87
N ARG A 66 14.62 10.70 -15.54
CA ARG A 66 14.00 11.92 -16.03
C ARG A 66 12.89 12.42 -15.13
N VAL A 67 12.60 11.70 -14.04
CA VAL A 67 11.62 12.14 -13.06
C VAL A 67 12.27 13.23 -12.23
N PRO A 68 11.71 14.45 -12.20
CA PRO A 68 12.29 15.53 -11.40
C PRO A 68 12.71 15.13 -9.99
N GLY A 69 14.01 15.27 -9.71
CA GLY A 69 14.56 15.04 -8.40
C GLY A 69 15.22 13.69 -8.21
N PHE A 70 14.92 12.72 -9.07
CA PHE A 70 15.44 11.37 -8.87
C PHE A 70 16.96 11.35 -8.94
N VAL A 71 17.54 12.02 -9.94
CA VAL A 71 18.99 12.00 -10.10
C VAL A 71 19.71 12.82 -9.02
N ASP A 72 18.98 13.63 -8.26
CA ASP A 72 19.58 14.35 -7.14
C ASP A 72 20.00 13.40 -6.03
N LEU A 73 19.44 12.20 -5.98
CA LEU A 73 19.71 11.27 -4.90
C LEU A 73 21.02 10.53 -5.17
N THR A 74 21.58 9.96 -4.10
CA THR A 74 22.74 9.11 -4.28
C THR A 74 22.34 7.89 -5.12
N LEU A 75 23.31 7.36 -5.85
CA LEU A 75 23.05 6.18 -6.66
C LEU A 75 22.58 5.02 -5.81
N HIS A 76 22.99 4.97 -4.54
CA HIS A 76 22.48 3.96 -3.62
C HIS A 76 21.00 4.16 -3.33
N ASP A 77 20.57 5.42 -3.20
CA ASP A 77 19.14 5.70 -3.00
C ASP A 77 18.35 5.38 -4.26
N GLN A 78 18.88 5.75 -5.43
CA GLN A 78 18.21 5.43 -6.69
C GLN A 78 18.00 3.94 -6.84
N VAL A 79 19.03 3.15 -6.51
CA VAL A 79 18.92 1.69 -6.62
C VAL A 79 17.82 1.17 -5.71
N HIS A 80 17.73 1.72 -4.51
CA HIS A 80 16.77 1.25 -3.52
C HIS A 80 15.34 1.61 -3.92
N LEU A 81 15.11 2.85 -4.35
CA LEU A 81 13.77 3.23 -4.78
C LEU A 81 13.26 2.33 -5.91
N LEU A 82 14.12 2.07 -6.91
CA LEU A 82 13.67 1.24 -8.03
C LEU A 82 13.47 -0.20 -7.60
N GLU A 83 14.31 -0.69 -6.71
CA GLU A 83 14.19 -2.06 -6.26
C GLU A 83 12.86 -2.23 -5.54
N ALA A 85 10.11 -0.10 -5.98
CA ALA A 85 8.97 0.32 -6.79
C ALA A 85 8.75 -0.40 -8.14
N TRP A 86 9.71 -1.18 -8.63
CA TRP A 86 9.70 -1.54 -10.06
C TRP A 86 8.44 -2.33 -10.43
N LEU A 87 8.01 -3.27 -9.59
CA LEU A 87 6.86 -4.07 -9.95
C LEU A 87 5.58 -3.24 -9.88
N GLU A 88 5.46 -2.38 -8.87
CA GLU A 88 4.34 -1.44 -8.82
C GLU A 88 4.28 -0.59 -10.08
N ILE A 89 5.44 -0.17 -10.59
CA ILE A 89 5.44 0.69 -11.77
C ILE A 89 5.02 -0.09 -13.01
N LEU A 90 5.51 -1.32 -13.16
CA LEU A 90 5.07 -2.16 -14.28
C LEU A 90 3.57 -2.40 -14.23
N MET A 91 3.04 -2.71 -13.05
CA MET A 91 1.62 -3.01 -12.89
C MET A 91 0.74 -1.80 -13.14
N ILE A 92 1.10 -0.63 -12.63
CA ILE A 92 0.21 0.51 -12.87
C ILE A 92 0.22 0.87 -14.36
N GLY A 93 1.36 0.72 -15.04
CA GLY A 93 1.39 0.94 -16.48
C GLY A 93 0.50 -0.04 -17.22
N LEU A 94 0.58 -1.32 -16.85
CA LEU A 94 -0.30 -2.34 -17.40
C LEU A 94 -1.77 -1.98 -17.18
N VAL A 95 -2.12 -1.60 -15.95
CA VAL A 95 -3.49 -1.20 -15.64
C VAL A 95 -3.91 -0.02 -16.52
N TRP A 96 -3.01 0.96 -16.69
CA TRP A 96 -3.34 2.13 -17.49
C TRP A 96 -3.58 1.76 -18.95
N ARG A 97 -2.70 0.93 -19.50
CA ARG A 97 -2.85 0.50 -20.89
C ARG A 97 -4.13 -0.28 -21.10
N SER A 98 -4.59 -1.01 -20.07
CA SER A 98 -5.73 -1.91 -20.20
C SER A 98 -7.06 -1.24 -19.88
N MET A 99 -7.04 0.05 -19.55
CA MET A 99 -8.22 0.73 -19.06
C MET A 99 -9.33 0.79 -20.10
N GLU A 100 -8.97 0.86 -21.37
CA GLU A 100 -9.99 0.95 -22.41
C GLU A 100 -10.42 -0.41 -22.95
N HIS A 101 -10.02 -1.49 -22.28
CA HIS A 101 -10.33 -2.85 -22.72
C HIS A 101 -10.91 -3.59 -21.52
N PRO A 102 -12.18 -3.36 -21.20
CA PRO A 102 -12.75 -3.95 -19.99
C PRO A 102 -12.64 -5.47 -20.00
N GLY A 103 -12.28 -6.02 -18.84
CA GLY A 103 -12.15 -7.45 -18.70
C GLY A 103 -10.93 -8.05 -19.35
N LYS A 104 -10.00 -7.23 -19.86
CA LYS A 104 -8.81 -7.73 -20.52
C LYS A 104 -7.60 -6.91 -20.11
N LEU A 105 -6.44 -7.54 -20.18
CA LEU A 105 -5.17 -6.90 -19.85
C LEU A 105 -4.35 -6.77 -21.13
N LEU A 106 -3.94 -5.54 -21.46
CA LEU A 106 -3.16 -5.26 -22.66
CA LEU A 106 -3.16 -5.26 -22.66
C LEU A 106 -1.69 -5.25 -22.28
N PHE A 107 -1.10 -6.45 -22.22
CA PHE A 107 0.32 -6.56 -21.94
C PHE A 107 1.13 -5.88 -23.03
N ALA A 108 0.69 -6.02 -24.28
CA ALA A 108 1.33 -5.39 -25.42
C ALA A 108 0.27 -5.15 -26.48
N PRO A 109 0.48 -4.21 -27.39
CA PRO A 109 -0.54 -3.96 -28.43
C PRO A 109 -0.95 -5.20 -29.20
N ASN A 110 -0.09 -6.21 -29.27
CA ASN A 110 -0.40 -7.45 -29.97
C ASN A 110 -0.70 -8.60 -29.02
N LEU A 111 -0.91 -8.32 -27.72
CA LEU A 111 -1.13 -9.37 -26.72
C LEU A 111 -2.17 -8.85 -25.70
N LEU A 112 -3.43 -9.18 -25.94
CA LEU A 112 -4.54 -8.73 -25.12
C LEU A 112 -5.20 -9.97 -24.53
N LEU A 113 -4.99 -10.18 -23.23
CA LEU A 113 -5.43 -11.40 -22.55
C LEU A 113 -6.65 -11.13 -21.67
N ASP A 114 -7.44 -12.18 -21.45
CA ASP A 114 -8.58 -12.10 -20.54
C ASP A 114 -8.36 -13.04 -19.35
N ARG A 115 -9.28 -12.95 -18.40
CA ARG A 115 -9.13 -13.69 -17.13
C ARG A 115 -8.96 -15.17 -17.38
N ASN A 116 -9.77 -15.74 -18.29
CA ASN A 116 -9.74 -17.18 -18.52
C ASN A 116 -8.38 -17.64 -19.01
N GLN A 117 -7.73 -16.85 -19.87
CA GLN A 117 -6.40 -17.21 -20.34
C GLN A 117 -5.35 -17.05 -19.24
N GLY A 118 -5.57 -16.11 -18.32
CA GLY A 118 -4.69 -15.96 -17.17
C GLY A 118 -4.67 -17.17 -16.25
N LYS A 119 -5.54 -18.15 -16.49
CA LYS A 119 -5.53 -19.39 -15.74
C LYS A 119 -4.53 -20.40 -16.30
N CYS A 120 -3.72 -20.01 -17.29
CA CYS A 120 -2.72 -20.91 -17.82
C CYS A 120 -1.58 -21.12 -16.84
N VAL A 121 -1.10 -20.04 -16.21
CA VAL A 121 -0.02 -20.12 -15.24
C VAL A 121 -0.64 -20.24 -13.86
N GLU A 122 -0.32 -21.33 -13.17
CA GLU A 122 -0.82 -21.53 -11.81
C GLU A 122 -0.48 -20.32 -10.94
N GLY A 123 -1.52 -19.73 -10.36
CA GLY A 123 -1.37 -18.57 -9.50
C GLY A 123 -1.65 -17.23 -10.16
N MET A 124 -1.72 -17.18 -11.49
CA MET A 124 -1.86 -15.91 -12.18
C MET A 124 -3.30 -15.38 -12.17
N VAL A 125 -4.29 -16.24 -11.95
CA VAL A 125 -5.68 -15.81 -12.00
C VAL A 125 -5.97 -14.74 -10.95
N GLU A 126 -5.48 -14.94 -9.73
CA GLU A 126 -5.78 -13.99 -8.65
C GLU A 126 -5.19 -12.62 -8.94
N ILE A 127 -3.95 -12.57 -9.43
CA ILE A 127 -3.32 -11.30 -9.70
C ILE A 127 -3.96 -10.62 -10.92
N PHE A 128 -4.37 -11.41 -11.92
CA PHE A 128 -5.10 -10.84 -13.06
C PHE A 128 -6.37 -10.14 -12.60
N ASP A 129 -7.11 -10.77 -11.68
CA ASP A 129 -8.36 -10.18 -11.19
C ASP A 129 -8.12 -8.86 -10.49
N MET A 130 -7.06 -8.78 -9.67
CA MET A 130 -6.73 -7.53 -8.99
C MET A 130 -6.35 -6.45 -9.99
N LEU A 131 -5.54 -6.80 -10.98
CA LEU A 131 -5.20 -5.83 -12.03
C LEU A 131 -6.46 -5.40 -12.78
N LEU A 132 -7.36 -6.34 -13.08
CA LEU A 132 -8.62 -5.98 -13.73
C LEU A 132 -9.47 -5.09 -12.83
N ALA A 133 -9.54 -5.42 -11.53
CA ALA A 133 -10.27 -4.58 -10.59
C ALA A 133 -9.70 -3.16 -10.55
N THR A 134 -8.38 -3.03 -10.66
CA THR A 134 -7.76 -1.70 -10.65
C THR A 134 -8.08 -0.94 -11.93
N SER A 135 -8.02 -1.63 -13.07
CA SER A 135 -8.39 -0.98 -14.34
CA SER A 135 -8.39 -0.97 -14.32
C SER A 135 -9.84 -0.54 -14.31
N SER A 136 -10.73 -1.40 -13.80
CA SER A 136 -12.12 -1.02 -13.61
C SER A 136 -12.25 0.26 -12.77
N ARG A 137 -11.48 0.34 -11.68
CA ARG A 137 -11.52 1.56 -10.86
C ARG A 137 -11.02 2.76 -11.66
N PHE A 138 -9.92 2.62 -12.39
CA PHE A 138 -9.42 3.69 -13.24
C PHE A 138 -10.51 4.18 -14.21
N ARG A 139 -11.28 3.26 -14.77
CA ARG A 139 -12.36 3.63 -15.67
C ARG A 139 -13.50 4.29 -14.91
N MET A 140 -13.83 3.76 -13.73
CA MET A 140 -14.86 4.35 -12.88
C MET A 140 -14.56 5.81 -12.57
N MET A 141 -13.31 6.11 -12.24
CA MET A 141 -12.90 7.48 -11.91
C MET A 141 -12.55 8.32 -13.13
N ASN A 142 -12.54 7.71 -14.31
CA ASN A 142 -12.12 8.41 -15.53
C ASN A 142 -10.73 9.02 -15.36
N LEU A 143 -9.78 8.17 -14.97
CA LEU A 143 -8.40 8.62 -14.74
C LEU A 143 -7.81 9.30 -15.98
N GLN A 144 -7.18 10.45 -15.77
CA GLN A 144 -6.59 11.22 -16.85
C GLN A 144 -5.10 10.91 -16.98
N GLY A 145 -4.61 10.95 -18.23
CA GLY A 145 -3.21 10.67 -18.48
C GLY A 145 -2.28 11.53 -17.65
N GLU A 146 -2.64 12.81 -17.47
CA GLU A 146 -1.83 13.70 -16.64
C GLU A 146 -1.83 13.27 -15.18
N GLU A 147 -2.96 12.78 -14.70
CA GLU A 147 -3.02 12.22 -13.35
C GLU A 147 -2.19 10.96 -13.24
N PHE A 148 -2.23 10.12 -14.27
CA PHE A 148 -1.53 8.84 -14.22
C PHE A 148 -0.02 9.03 -14.15
N VAL A 149 0.54 9.98 -14.90
CA VAL A 149 2.00 10.16 -14.84
C VAL A 149 2.41 10.71 -13.48
N CYS A 150 1.55 11.53 -12.85
CA CYS A 150 1.80 11.95 -11.48
C CYS A 150 1.84 10.76 -10.54
N LEU A 151 0.84 9.86 -10.63
CA LEU A 151 0.80 8.72 -9.73
C LEU A 151 2.05 7.87 -9.85
N LYS A 152 2.55 7.68 -11.08
CA LYS A 152 3.70 6.81 -11.32
C LYS A 152 4.97 7.37 -10.69
N SER A 153 5.17 8.68 -10.78
CA SER A 153 6.33 9.29 -10.14
C SER A 153 6.20 9.25 -8.62
N ILE A 154 4.98 9.36 -8.09
CA ILE A 154 4.75 9.23 -6.64
C ILE A 154 5.16 7.84 -6.16
N ILE A 155 4.75 6.80 -6.89
CA ILE A 155 5.14 5.44 -6.57
C ILE A 155 6.66 5.29 -6.51
N LEU A 156 7.36 5.81 -7.52
CA LEU A 156 8.82 5.70 -7.56
C LEU A 156 9.45 6.34 -6.33
N LEU A 157 8.99 7.54 -5.99
CA LEU A 157 9.56 8.30 -4.89
C LEU A 157 9.11 7.77 -3.54
N ASN A 158 7.87 7.33 -3.43
CA ASN A 158 7.27 7.03 -2.12
C ASN A 158 7.53 5.61 -1.64
N SER A 159 7.50 4.61 -2.55
CA SER A 159 7.43 3.22 -2.10
C SER A 159 8.67 2.80 -1.31
N GLY A 160 9.82 3.44 -1.53
CA GLY A 160 11.00 3.01 -0.81
C GLY A 160 11.49 3.99 0.25
N VAL A 161 10.76 5.08 0.47
CA VAL A 161 11.26 6.18 1.28
C VAL A 161 11.23 5.90 2.78
N TYR A 162 10.67 4.77 3.23
CA TYR A 162 10.66 4.45 4.65
C TYR A 162 11.39 3.15 4.99
N THR A 163 12.10 2.56 4.02
CA THR A 163 12.95 1.41 4.28
C THR A 163 14.41 1.71 3.96
N PHE A 164 14.80 2.99 4.01
CA PHE A 164 16.20 3.38 3.80
C PHE A 164 17.09 2.79 4.90
N SER A 167 20.57 5.26 9.13
CA SER A 167 21.98 5.35 8.76
C SER A 167 22.69 6.49 9.49
N THR A 168 22.63 7.69 8.91
CA THR A 168 23.23 8.88 9.47
C THR A 168 22.23 10.02 9.37
N LEU A 169 22.68 11.22 9.78
CA LEU A 169 21.92 12.42 9.46
C LEU A 169 22.03 12.80 8.00
N LYS A 170 22.96 12.17 7.26
CA LYS A 170 23.08 12.41 5.83
C LYS A 170 21.96 11.70 5.07
N SER A 171 21.77 10.41 5.33
CA SER A 171 20.67 9.66 4.73
C SER A 171 19.32 10.21 5.13
N LEU A 172 19.26 11.10 6.12
CA LEU A 172 18.00 11.74 6.51
C LEU A 172 17.71 13.01 5.74
N GLU A 173 18.74 13.77 5.35
CA GLU A 173 18.53 14.85 4.39
C GLU A 173 18.05 14.31 3.06
N GLU A 174 18.48 13.10 2.71
CA GLU A 174 18.01 12.45 1.49
C GLU A 174 16.49 12.24 1.54
N LYS A 175 16.01 11.55 2.57
CA LYS A 175 14.58 11.33 2.75
C LYS A 175 13.81 12.65 2.74
N ASP A 176 14.41 13.70 3.28
CA ASP A 176 13.72 14.99 3.36
C ASP A 176 13.55 15.63 1.98
N HIS A 177 14.52 15.42 1.08
CA HIS A 177 14.38 15.99 -0.26
C HIS A 177 13.26 15.31 -1.04
N ILE A 178 13.14 13.98 -0.93
CA ILE A 178 12.07 13.26 -1.62
C ILE A 178 10.70 13.79 -1.20
N HIS A 179 10.54 14.15 0.07
CA HIS A 179 9.25 14.63 0.55
C HIS A 179 8.85 15.95 -0.11
N ARG A 180 9.82 16.84 -0.33
CA ARG A 180 9.50 18.10 -1.00
C ARG A 180 9.08 17.87 -2.44
N VAL A 181 9.76 16.95 -3.13
CA VAL A 181 9.34 16.61 -4.49
C VAL A 181 7.96 15.98 -4.47
N LEU A 182 7.70 15.08 -3.52
CA LEU A 182 6.38 14.47 -3.40
C LEU A 182 5.30 15.53 -3.19
N ASP A 183 5.55 16.49 -2.30
CA ASP A 183 4.60 17.58 -2.11
C ASP A 183 4.39 18.37 -3.38
N LYS A 184 5.44 18.52 -4.21
CA LYS A 184 5.28 19.21 -5.48
C LYS A 184 4.33 18.44 -6.40
N ILE A 185 4.42 17.11 -6.39
CA ILE A 185 3.51 16.33 -7.23
C ILE A 185 2.08 16.42 -6.71
N THR A 186 1.89 16.50 -5.39
CA THR A 186 0.56 16.73 -4.85
C THR A 186 -0.01 18.06 -5.35
N ASP A 187 0.81 19.12 -5.30
CA ASP A 187 0.39 20.42 -5.82
C ASP A 187 -0.02 20.29 -7.29
N THR A 188 0.75 19.52 -8.05
CA THR A 188 0.46 19.33 -9.47
C THR A 188 -0.88 18.64 -9.67
N LEU A 189 -1.16 17.60 -8.88
CA LEU A 189 -2.45 16.90 -8.96
C LEU A 189 -3.61 17.85 -8.70
N ILE A 190 -3.51 18.64 -7.62
CA ILE A 190 -4.59 19.58 -7.30
C ILE A 190 -4.76 20.59 -8.43
N HIS A 191 -3.64 21.14 -8.91
CA HIS A 191 -3.68 22.08 -10.04
C HIS A 191 -4.46 21.50 -11.22
N LEU A 192 -4.21 20.23 -11.55
CA LEU A 192 -4.94 19.60 -12.66
C LEU A 192 -6.43 19.54 -12.38
N MET A 193 -6.81 19.14 -11.15
CA MET A 193 -8.22 19.00 -10.84
C MET A 193 -8.92 20.35 -10.81
N ALA A 194 -8.25 21.37 -10.30
CA ALA A 194 -8.83 22.71 -10.30
C ALA A 194 -9.07 23.19 -11.73
N LYS A 195 -8.06 23.00 -12.61
CA LYS A 195 -8.24 23.36 -14.01
C LYS A 195 -9.44 22.64 -14.63
N ALA A 196 -9.61 21.36 -14.34
CA ALA A 196 -10.76 20.62 -14.84
C ALA A 196 -12.10 21.04 -14.18
N GLY A 197 -12.13 22.12 -13.39
CA GLY A 197 -13.39 22.63 -12.88
C GLY A 197 -13.97 21.93 -11.68
N LEU A 198 -13.15 21.24 -10.89
CA LEU A 198 -13.64 20.57 -9.70
C LEU A 198 -13.70 21.55 -8.53
N THR A 199 -14.74 21.42 -7.70
CA THR A 199 -14.75 22.20 -6.47
C THR A 199 -13.64 21.75 -5.54
N LEU A 200 -13.33 22.57 -4.52
CA LEU A 200 -12.29 22.19 -3.57
C LEU A 200 -12.63 20.88 -2.88
N GLN A 201 -13.89 20.69 -2.47
CA GLN A 201 -14.25 19.42 -1.86
C GLN A 201 -14.03 18.27 -2.84
N GLN A 202 -14.36 18.50 -4.11
CA GLN A 202 -14.13 17.49 -5.14
C GLN A 202 -12.64 17.24 -5.34
N GLN A 203 -11.81 18.29 -5.31
CA GLN A 203 -10.38 18.12 -5.50
C GLN A 203 -9.78 17.27 -4.38
N HIS A 204 -10.20 17.52 -3.14
CA HIS A 204 -9.66 16.75 -2.02
C HIS A 204 -10.18 15.32 -2.06
N GLN A 205 -11.44 15.13 -2.44
CA GLN A 205 -11.98 13.78 -2.52
C GLN A 205 -11.28 12.99 -3.62
N ARG A 206 -11.05 13.61 -4.78
CA ARG A 206 -10.39 12.89 -5.87
C ARG A 206 -8.93 12.61 -5.54
N LEU A 207 -8.23 13.59 -4.97
CA LEU A 207 -6.86 13.37 -4.51
C LEU A 207 -6.76 12.12 -3.63
N ALA A 208 -7.69 12.01 -2.68
CA ALA A 208 -7.70 10.87 -1.77
C ALA A 208 -7.99 9.58 -2.54
N GLN A 209 -8.99 9.61 -3.43
CA GLN A 209 -9.32 8.42 -4.22
C GLN A 209 -8.11 7.94 -5.02
N LEU A 210 -7.35 8.87 -5.59
CA LEU A 210 -6.19 8.51 -6.39
C LEU A 210 -5.09 7.89 -5.54
N LEU A 211 -4.79 8.48 -4.38
CA LEU A 211 -3.69 7.96 -3.59
C LEU A 211 -4.05 6.66 -2.90
N LEU A 212 -5.34 6.44 -2.62
CA LEU A 212 -5.76 5.18 -2.01
C LEU A 212 -5.52 4.00 -2.95
N ILE A 213 -5.58 4.23 -4.26
CA ILE A 213 -5.27 3.18 -5.22
C ILE A 213 -3.84 2.69 -5.05
N LEU A 214 -2.93 3.58 -4.63
CA LEU A 214 -1.53 3.19 -4.47
C LEU A 214 -1.38 2.10 -3.42
N SER A 215 -2.29 2.04 -2.47
CA SER A 215 -2.28 0.95 -1.49
C SER A 215 -2.63 -0.37 -2.16
N HIS A 216 -3.63 -0.36 -3.03
CA HIS A 216 -3.95 -1.57 -3.77
CA HIS A 216 -3.97 -1.56 -3.80
C HIS A 216 -2.83 -1.95 -4.74
N ILE A 217 -2.17 -0.98 -5.35
CA ILE A 217 -1.04 -1.33 -6.20
C ILE A 217 0.08 -1.95 -5.37
N ARG A 218 0.35 -1.40 -4.17
CA ARG A 218 1.36 -2.02 -3.29
C ARG A 218 0.98 -3.45 -2.99
N HIS A 219 -0.30 -3.69 -2.68
CA HIS A 219 -0.77 -5.04 -2.40
C HIS A 219 -0.52 -5.96 -3.59
N MET A 220 -0.90 -5.54 -4.80
CA MET A 220 -0.72 -6.41 -5.97
C MET A 220 0.75 -6.69 -6.21
N SER A 221 1.60 -5.68 -6.02
CA SER A 221 3.03 -5.87 -6.19
C SER A 221 3.58 -6.96 -5.28
N ASN A 222 3.18 -6.97 -4.01
CA ASN A 222 3.74 -7.99 -3.12
C ASN A 222 3.20 -9.36 -3.48
N LYS A 223 1.93 -9.45 -3.86
CA LYS A 223 1.39 -10.71 -4.37
C LYS A 223 2.14 -11.14 -5.64
N GLY A 224 2.48 -10.18 -6.49
CA GLY A 224 3.18 -10.50 -7.72
C GLY A 224 4.62 -10.94 -7.47
N MET A 225 5.31 -10.26 -6.55
CA MET A 225 6.66 -10.66 -6.16
C MET A 225 6.69 -12.09 -5.66
N GLU A 226 5.66 -12.51 -4.92
CA GLU A 226 5.59 -13.90 -4.47
C GLU A 226 5.34 -14.86 -5.63
N HIS A 227 4.55 -14.45 -6.62
CA HIS A 227 4.35 -15.33 -7.77
C HIS A 227 5.64 -15.49 -8.57
N LEU A 228 6.39 -14.40 -8.74
CA LEU A 228 7.62 -14.47 -9.52
C LEU A 228 8.67 -15.33 -8.83
N TYR A 229 8.77 -15.22 -7.50
CA TYR A 229 9.67 -16.09 -6.73
C TYR A 229 9.23 -17.55 -6.83
N SER A 230 7.93 -17.82 -6.87
CA SER A 230 7.43 -19.17 -7.09
C SER A 230 7.90 -19.72 -8.44
N MET A 231 7.56 -19.02 -9.53
CA MET A 231 8.06 -19.34 -10.87
C MET A 231 9.54 -19.65 -10.87
N LYS A 232 10.32 -18.77 -10.25
CA LYS A 232 11.76 -18.92 -10.18
C LYS A 232 12.24 -20.32 -9.84
N LYS A 234 10.64 -22.98 -9.34
CA LYS A 234 9.99 -24.05 -10.09
C LYS A 234 10.79 -24.28 -11.37
N ASN A 235 11.58 -23.26 -11.72
CA ASN A 235 12.56 -23.30 -12.81
C ASN A 235 11.99 -23.93 -14.08
N VAL A 236 10.84 -23.43 -14.51
CA VAL A 236 10.25 -23.78 -15.79
C VAL A 236 10.24 -22.60 -16.75
N VAL A 237 9.86 -21.42 -16.25
CA VAL A 237 9.89 -20.19 -17.04
C VAL A 237 11.29 -19.59 -16.96
N PRO A 238 11.92 -19.30 -18.09
CA PRO A 238 13.22 -18.64 -18.04
C PRO A 238 13.07 -17.20 -17.55
N LEU A 239 14.04 -16.74 -16.75
CA LEU A 239 13.98 -15.43 -16.15
C LEU A 239 15.31 -14.71 -16.35
N SER A 240 15.23 -13.45 -16.76
CA SER A 240 16.43 -12.68 -17.09
C SER A 240 17.27 -12.41 -15.85
N ASP A 241 18.54 -12.07 -16.07
CA ASP A 241 19.43 -11.77 -14.97
C ASP A 241 18.99 -10.52 -14.21
N LEU A 242 18.43 -9.53 -14.90
CA LEU A 242 18.00 -8.32 -14.22
C LEU A 242 16.76 -8.59 -13.36
N LEU A 243 15.80 -9.35 -13.89
CA LEU A 243 14.63 -9.70 -13.08
C LEU A 243 15.04 -10.47 -11.84
N LEU A 244 15.99 -11.40 -11.98
CA LEU A 244 16.44 -12.19 -10.85
C LEU A 244 17.08 -11.31 -9.78
N GLU A 245 17.87 -10.32 -10.19
CA GLU A 245 18.44 -9.37 -9.23
C GLU A 245 17.35 -8.51 -8.59
N MET A 246 16.36 -8.08 -9.38
CA MET A 246 15.26 -7.30 -8.82
C MET A 246 14.46 -8.14 -7.83
N LEU A 247 14.23 -9.40 -8.16
CA LEU A 247 13.56 -10.33 -7.25
C LEU A 247 14.33 -10.46 -5.94
N ASP A 248 15.66 -10.62 -6.04
CA ASP A 248 16.48 -10.84 -4.85
C ASP A 248 16.44 -9.64 -3.91
N ALA A 249 16.18 -8.44 -4.44
CA ALA A 249 16.15 -7.24 -3.60
C ALA A 249 15.06 -7.33 -2.53
N HIS A 250 14.01 -8.11 -2.78
CA HIS A 250 12.95 -8.31 -1.80
C HIS A 250 13.23 -9.54 -0.94
N ASN B 7 -30.85 3.63 3.01
CA ASN B 7 -30.05 4.81 3.29
C ASN B 7 -29.32 4.68 4.63
N SER B 8 -28.08 5.15 4.65
CA SER B 8 -27.16 4.96 5.77
C SER B 8 -27.07 6.22 6.61
N LEU B 9 -27.12 6.05 7.94
CA LEU B 9 -26.98 7.17 8.85
C LEU B 9 -25.61 7.83 8.75
N ALA B 10 -24.60 7.11 8.24
CA ALA B 10 -23.24 7.64 8.20
C ALA B 10 -23.15 8.88 7.33
N LEU B 11 -23.85 8.89 6.20
CA LEU B 11 -23.73 10.00 5.27
C LEU B 11 -24.37 11.28 5.80
N SER B 12 -25.28 11.17 6.76
CA SER B 12 -25.97 12.33 7.32
C SER B 12 -25.25 12.93 8.53
N LEU B 13 -24.28 12.24 9.13
CA LEU B 13 -23.53 12.82 10.23
C LEU B 13 -22.71 14.03 9.76
N THR B 14 -22.36 14.90 10.69
CA THR B 14 -21.46 15.99 10.38
C THR B 14 -20.02 15.52 10.49
N ALA B 15 -19.08 16.39 10.14
CA ALA B 15 -17.68 16.07 10.37
C ALA B 15 -17.41 15.84 11.85
N ASP B 16 -17.92 16.73 12.70
CA ASP B 16 -17.71 16.61 14.14
C ASP B 16 -18.38 15.37 14.70
N GLN B 17 -19.59 15.06 14.22
CA GLN B 17 -20.24 13.82 14.62
C GLN B 17 -19.45 12.60 14.17
N MET B 18 -18.90 12.64 12.95
CA MET B 18 -18.02 11.58 12.46
C MET B 18 -16.83 11.39 13.39
N VAL B 19 -16.13 12.48 13.72
CA VAL B 19 -14.96 12.39 14.59
C VAL B 19 -15.36 11.83 15.95
N SER B 20 -16.44 12.36 16.53
CA SER B 20 -16.84 11.91 17.87
C SER B 20 -17.28 10.46 17.85
N ALA B 21 -18.03 10.04 16.83
CA ALA B 21 -18.37 8.63 16.70
C ALA B 21 -17.11 7.78 16.58
N LEU B 22 -16.13 8.22 15.80
CA LEU B 22 -14.90 7.45 15.66
C LEU B 22 -14.10 7.44 16.96
N LEU B 23 -14.01 8.58 17.65
CA LEU B 23 -13.30 8.61 18.92
C LEU B 23 -13.98 7.73 19.95
N ASP B 24 -15.31 7.69 19.94
CA ASP B 24 -16.06 6.89 20.91
CA ASP B 24 -16.03 6.89 20.93
C ASP B 24 -15.90 5.40 20.67
N ALA B 25 -15.71 5.00 19.41
CA ALA B 25 -15.60 3.59 19.07
C ALA B 25 -14.23 2.99 19.37
N GLU B 26 -13.25 3.82 19.71
CA GLU B 26 -11.88 3.37 19.92
C GLU B 26 -11.84 2.18 20.89
N PRO B 27 -11.12 1.12 20.56
CA PRO B 27 -11.00 -0.01 21.49
C PRO B 27 -10.04 0.33 22.62
N PRO B 28 -10.03 -0.46 23.70
CA PRO B 28 -9.07 -0.22 24.78
C PRO B 28 -7.67 -0.66 24.42
N ILE B 29 -6.72 -0.13 25.17
CA ILE B 29 -5.34 -0.65 25.15
C ILE B 29 -5.25 -1.80 26.14
N LEU B 30 -4.88 -2.97 25.65
CA LEU B 30 -4.84 -4.19 26.45
C LEU B 30 -3.43 -4.40 27.01
N TYR B 31 -3.34 -5.19 28.06
CA TYR B 31 -2.06 -5.56 28.64
C TYR B 31 -1.65 -6.96 28.21
N SER B 32 -0.35 -7.19 28.20
CA SER B 32 0.20 -8.52 28.01
C SER B 32 0.12 -9.31 29.31
N GLU B 33 0.20 -10.63 29.19
CA GLU B 33 0.47 -11.46 30.35
C GLU B 33 1.68 -10.92 31.09
N TYR B 34 1.61 -10.92 32.42
CA TYR B 34 2.61 -10.25 33.25
C TYR B 34 3.83 -11.12 33.52
N ASP B 35 4.34 -11.84 32.51
CA ASP B 35 5.63 -12.51 32.60
C ASP B 35 6.70 -11.50 33.00
N PRO B 36 7.21 -11.54 34.24
CA PRO B 36 8.19 -10.53 34.66
C PRO B 36 9.57 -10.76 34.04
N THR B 37 9.60 -11.48 32.92
CA THR B 37 10.83 -11.84 32.25
C THR B 37 10.89 -11.15 30.89
N ARG B 38 11.98 -10.43 30.64
CA ARG B 38 12.27 -9.87 29.33
C ARG B 38 12.26 -11.01 28.32
N PRO B 39 11.28 -11.06 27.41
CA PRO B 39 11.16 -12.20 26.51
C PRO B 39 12.39 -12.32 25.62
N PHE B 40 13.10 -13.43 25.77
CA PHE B 40 14.33 -13.65 25.02
C PHE B 40 14.29 -14.97 24.25
N SER B 41 13.16 -15.66 24.23
CA SER B 41 13.01 -16.86 23.43
C SER B 41 11.98 -16.62 22.34
N GLU B 42 12.12 -17.38 21.25
CA GLU B 42 11.22 -17.23 20.13
C GLU B 42 9.80 -17.66 20.50
N ALA B 43 9.66 -18.74 21.26
CA ALA B 43 8.33 -19.23 21.63
C ALA B 43 7.64 -18.27 22.59
N SER B 44 8.36 -17.80 23.62
CA SER B 44 7.74 -16.91 24.60
C SER B 44 7.40 -15.57 23.98
N MET B 45 8.28 -15.07 23.11
CA MET B 45 7.97 -13.90 22.29
C MET B 45 6.68 -14.13 21.50
N MET B 46 6.70 -15.15 20.62
CA MET B 46 5.55 -15.42 19.78
CA MET B 46 5.55 -15.45 19.78
C MET B 46 4.32 -15.77 20.60
N GLY B 47 4.49 -16.39 21.76
CA GLY B 47 3.34 -16.68 22.60
C GLY B 47 2.67 -15.43 23.10
N LEU B 48 3.46 -14.48 23.64
CA LEU B 48 2.89 -13.27 24.22
C LEU B 48 2.22 -12.42 23.15
N LEU B 49 2.83 -12.31 21.97
CA LEU B 49 2.33 -11.39 20.95
C LEU B 49 1.09 -11.92 20.26
N THR B 50 1.08 -13.20 19.89
CA THR B 50 -0.12 -13.76 19.28
C THR B 50 -1.27 -13.81 20.27
N ASN B 51 -0.97 -14.02 21.56
CA ASN B 51 -2.00 -13.96 22.58
C ASN B 51 -2.64 -12.57 22.63
N LEU B 52 -1.78 -11.53 22.65
CA LEU B 52 -2.27 -10.16 22.61
C LEU B 52 -3.05 -9.88 21.33
N ALA B 53 -2.52 -10.32 20.19
CA ALA B 53 -3.20 -10.08 18.93
C ALA B 53 -4.57 -10.74 18.90
N ASP B 54 -4.67 -11.96 19.44
CA ASP B 54 -5.96 -12.63 19.50
C ASP B 54 -6.98 -11.80 20.28
N ARG B 55 -6.57 -11.26 21.44
CA ARG B 55 -7.50 -10.47 22.26
C ARG B 55 -7.85 -9.15 21.59
N GLU B 56 -6.87 -8.49 20.96
CA GLU B 56 -7.14 -7.25 20.22
C GLU B 56 -8.09 -7.47 19.05
N LEU B 57 -8.02 -8.63 18.39
CA LEU B 57 -8.89 -8.88 17.25
C LEU B 57 -10.35 -8.87 17.67
N VAL B 58 -10.67 -9.42 18.84
CA VAL B 58 -12.04 -9.41 19.32
C VAL B 58 -12.54 -7.99 19.52
N HIS B 59 -11.67 -7.11 20.02
CA HIS B 59 -12.07 -5.71 20.18
C HIS B 59 -12.15 -5.00 18.84
N MET B 60 -11.25 -5.33 17.91
CA MET B 60 -11.31 -4.72 16.58
C MET B 60 -12.63 -5.02 15.88
N ILE B 61 -13.07 -6.27 15.94
CA ILE B 61 -14.33 -6.63 15.29
C ILE B 61 -15.47 -5.79 15.86
N ASN B 62 -15.49 -5.60 17.18
CA ASN B 62 -16.53 -4.77 17.76
C ASN B 62 -16.30 -3.28 17.53
N TRP B 63 -15.04 -2.83 17.43
CA TRP B 63 -14.79 -1.48 16.94
C TRP B 63 -15.34 -1.30 15.52
N ALA B 64 -15.11 -2.28 14.64
CA ALA B 64 -15.49 -2.10 13.24
C ALA B 64 -16.99 -1.94 13.10
N LYS B 65 -17.77 -2.57 13.98
CA LYS B 65 -19.22 -2.45 13.94
C LYS B 65 -19.69 -1.05 14.30
N ARG B 66 -18.88 -0.27 14.99
CA ARG B 66 -19.21 1.09 15.36
C ARG B 66 -18.67 2.12 14.37
N VAL B 67 -17.98 1.70 13.32
CA VAL B 67 -17.52 2.64 12.28
C VAL B 67 -18.73 2.97 11.41
N PRO B 68 -19.11 4.24 11.30
CA PRO B 68 -20.33 4.58 10.55
C PRO B 68 -20.24 4.10 9.11
N GLY B 69 -21.33 3.48 8.65
CA GLY B 69 -21.38 2.89 7.34
C GLY B 69 -21.00 1.43 7.28
N PHE B 70 -20.31 0.91 8.30
CA PHE B 70 -19.84 -0.47 8.24
C PHE B 70 -20.99 -1.44 8.38
N VAL B 71 -21.82 -1.30 9.42
CA VAL B 71 -22.91 -2.25 9.62
C VAL B 71 -24.01 -2.14 8.58
N ASP B 72 -23.95 -1.14 7.70
CA ASP B 72 -24.89 -1.06 6.59
C ASP B 72 -24.52 -1.97 5.41
N LEU B 73 -23.29 -2.48 5.39
CA LEU B 73 -22.90 -3.46 4.40
C LEU B 73 -23.47 -4.84 4.79
N THR B 74 -23.58 -5.71 3.79
CA THR B 74 -23.95 -7.11 4.07
C THR B 74 -22.89 -7.76 4.97
N LEU B 75 -23.29 -8.86 5.61
CA LEU B 75 -22.37 -9.58 6.48
C LEU B 75 -21.16 -10.09 5.69
N HIS B 76 -21.39 -10.58 4.48
CA HIS B 76 -20.28 -11.10 3.68
C HIS B 76 -19.28 -9.99 3.36
N ASP B 77 -19.77 -8.77 3.12
CA ASP B 77 -18.86 -7.67 2.82
C ASP B 77 -18.09 -7.24 4.07
N GLN B 78 -18.75 -7.23 5.23
CA GLN B 78 -18.06 -6.93 6.47
C GLN B 78 -16.94 -7.93 6.73
N VAL B 79 -17.25 -9.22 6.55
CA VAL B 79 -16.25 -10.28 6.68
C VAL B 79 -15.09 -10.03 5.74
N HIS B 80 -15.39 -9.69 4.47
CA HIS B 80 -14.35 -9.50 3.48
C HIS B 80 -13.44 -8.33 3.84
N LEU B 81 -14.04 -7.22 4.27
CA LEU B 81 -13.23 -6.04 4.59
C LEU B 81 -12.31 -6.30 5.78
N LEU B 82 -12.83 -6.95 6.82
CA LEU B 82 -12.04 -7.22 8.02
C LEU B 82 -10.95 -8.25 7.72
N GLU B 83 -11.25 -9.25 6.90
CA GLU B 83 -10.24 -10.25 6.54
C GLU B 83 -9.07 -9.60 5.82
N ALA B 85 -8.18 -6.34 5.99
CA ALA B 85 -7.56 -5.24 6.72
C ALA B 85 -7.04 -5.50 8.14
N TRP B 86 -7.36 -6.65 8.75
CA TRP B 86 -7.15 -6.81 10.18
C TRP B 86 -5.70 -6.54 10.58
N LEU B 87 -4.73 -7.01 9.78
CA LEU B 87 -3.36 -6.84 10.20
C LEU B 87 -2.87 -5.41 10.00
N GLU B 88 -3.31 -4.75 8.93
CA GLU B 88 -3.03 -3.32 8.80
C GLU B 88 -3.56 -2.53 10.00
N ILE B 89 -4.73 -2.90 10.50
CA ILE B 89 -5.35 -2.15 11.58
C ILE B 89 -4.63 -2.38 12.90
N LEU B 90 -4.19 -3.63 13.15
CA LEU B 90 -3.40 -3.88 14.36
C LEU B 90 -2.08 -3.12 14.30
N MET B 91 -1.46 -3.08 13.11
CA MET B 91 -0.16 -2.44 12.96
C MET B 91 -0.24 -0.93 13.07
N ILE B 92 -1.25 -0.30 12.46
CA ILE B 92 -1.34 1.14 12.63
C ILE B 92 -1.64 1.48 14.09
N GLY B 93 -2.37 0.62 14.80
CA GLY B 93 -2.59 0.84 16.22
C GLY B 93 -1.31 0.73 17.02
N LEU B 94 -0.52 -0.30 16.74
CA LEU B 94 0.81 -0.46 17.35
C LEU B 94 1.67 0.78 17.12
N VAL B 95 1.72 1.25 15.87
CA VAL B 95 2.53 2.40 15.52
C VAL B 95 2.05 3.64 16.27
N TRP B 96 0.73 3.86 16.29
CA TRP B 96 0.16 4.98 17.04
C TRP B 96 0.56 4.93 18.51
N ARG B 97 0.34 3.78 19.17
CA ARG B 97 0.67 3.66 20.59
C ARG B 97 2.16 3.89 20.84
N SER B 98 3.00 3.56 19.86
CA SER B 98 4.45 3.63 20.02
C SER B 98 5.01 5.01 19.72
N MET B 99 4.17 5.96 19.30
CA MET B 99 4.67 7.22 18.75
C MET B 99 5.53 7.97 19.74
N GLU B 100 5.01 8.19 20.94
CA GLU B 100 5.74 8.92 21.97
C GLU B 100 6.81 8.07 22.66
N HIS B 101 7.24 6.97 22.04
CA HIS B 101 8.32 6.13 22.56
C HIS B 101 9.34 5.85 21.46
N PRO B 102 10.07 6.87 21.01
CA PRO B 102 11.02 6.68 19.89
C PRO B 102 11.93 5.48 20.09
N GLY B 103 12.15 4.76 19.01
CA GLY B 103 13.01 3.59 19.04
C GLY B 103 12.40 2.36 19.68
N LYS B 104 11.16 2.44 20.16
CA LYS B 104 10.53 1.32 20.85
C LYS B 104 9.12 1.10 20.33
N LEU B 105 8.66 -0.15 20.45
CA LEU B 105 7.30 -0.53 20.06
C LEU B 105 6.52 -0.91 21.32
N LEU B 106 5.46 -0.17 21.60
CA LEU B 106 4.63 -0.38 22.79
C LEU B 106 3.50 -1.35 22.43
N PHE B 107 3.82 -2.65 22.47
CA PHE B 107 2.79 -3.65 22.21
C PHE B 107 1.69 -3.59 23.25
N ALA B 108 2.06 -3.36 24.50
CA ALA B 108 1.15 -3.12 25.61
C ALA B 108 1.89 -2.25 26.62
N PRO B 109 1.17 -1.55 27.50
CA PRO B 109 1.89 -0.72 28.49
C PRO B 109 2.89 -1.51 29.32
N ASN B 110 2.68 -2.81 29.52
CA ASN B 110 3.64 -3.64 30.23
C ASN B 110 4.48 -4.49 29.30
N LEU B 111 4.57 -4.09 28.02
CA LEU B 111 5.39 -4.83 27.05
C LEU B 111 5.87 -3.82 25.99
N LEU B 112 6.97 -3.14 26.31
CA LEU B 112 7.59 -2.15 25.42
C LEU B 112 8.94 -2.72 24.98
N LEU B 113 9.09 -2.92 23.67
CA LEU B 113 10.24 -3.63 23.12
C LEU B 113 11.03 -2.73 22.17
N ASP B 114 12.30 -3.11 21.95
CA ASP B 114 13.18 -2.45 21.00
C ASP B 114 13.71 -3.50 20.03
N ARG B 115 14.31 -3.03 18.92
CA ARG B 115 14.64 -3.93 17.82
C ARG B 115 15.63 -5.02 18.22
N ASN B 116 16.39 -4.80 19.30
CA ASN B 116 17.26 -5.85 19.81
C ASN B 116 16.44 -7.10 20.14
N GLN B 117 15.22 -6.90 20.64
CA GLN B 117 14.36 -8.02 21.00
C GLN B 117 13.61 -8.57 19.80
N GLY B 118 13.46 -7.80 18.73
CA GLY B 118 12.97 -8.37 17.48
C GLY B 118 13.84 -9.50 16.95
N LYS B 119 15.12 -9.54 17.34
CA LYS B 119 16.02 -10.57 16.87
C LYS B 119 15.74 -11.94 17.50
N CYS B 120 15.06 -11.97 18.64
CA CYS B 120 14.75 -13.24 19.29
C CYS B 120 13.84 -14.12 18.44
N VAL B 121 13.30 -13.58 17.36
CA VAL B 121 12.34 -14.27 16.50
C VAL B 121 12.84 -14.18 15.07
N GLU B 122 12.87 -15.32 14.38
CA GLU B 122 13.41 -15.37 13.03
C GLU B 122 12.50 -14.62 12.06
N GLY B 123 13.06 -13.64 11.36
CA GLY B 123 12.31 -12.87 10.40
C GLY B 123 11.54 -11.71 10.96
N MET B 124 11.73 -11.39 12.24
CA MET B 124 10.95 -10.39 12.96
C MET B 124 11.64 -9.03 13.04
N VAL B 125 12.97 -8.99 13.02
CA VAL B 125 13.64 -7.69 13.14
C VAL B 125 13.34 -6.82 11.93
N GLU B 126 13.08 -7.44 10.77
CA GLU B 126 12.82 -6.66 9.56
C GLU B 126 11.47 -5.95 9.65
N ILE B 127 10.42 -6.68 10.04
CA ILE B 127 9.13 -6.03 10.26
C ILE B 127 9.23 -5.02 11.39
N PHE B 128 10.05 -5.35 12.40
CA PHE B 128 10.23 -4.47 13.54
C PHE B 128 10.74 -3.10 13.08
N ASP B 129 11.72 -3.09 12.16
CA ASP B 129 12.29 -1.84 11.67
C ASP B 129 11.27 -1.04 10.83
N MET B 130 10.47 -1.74 10.01
CA MET B 130 9.42 -1.03 9.26
C MET B 130 8.44 -0.35 10.20
N LEU B 131 8.03 -1.06 11.27
CA LEU B 131 7.11 -0.48 12.24
C LEU B 131 7.74 0.74 12.90
N LEU B 132 9.01 0.64 13.29
CA LEU B 132 9.68 1.75 13.96
C LEU B 132 9.79 2.97 13.05
N ALA B 133 10.11 2.76 11.76
CA ALA B 133 10.18 3.88 10.83
C ALA B 133 8.82 4.57 10.69
N THR B 134 7.75 3.79 10.64
CA THR B 134 6.42 4.38 10.53
C THR B 134 6.10 5.22 11.74
N SER B 135 6.41 4.70 12.94
CA SER B 135 6.18 5.44 14.17
C SER B 135 6.91 6.78 14.14
N SER B 136 8.18 6.75 13.73
CA SER B 136 8.93 8.00 13.65
C SER B 136 8.30 8.97 12.65
N ARG B 137 7.86 8.45 11.49
CA ARG B 137 7.18 9.29 10.51
C ARG B 137 5.95 9.95 11.11
N PHE B 138 5.08 9.17 11.78
CA PHE B 138 3.94 9.76 12.48
C PHE B 138 4.38 10.82 13.48
N ARG B 139 5.41 10.50 14.27
CA ARG B 139 5.92 11.44 15.27
C ARG B 139 6.31 12.77 14.63
N MET B 140 7.12 12.74 13.57
CA MET B 140 7.58 13.97 12.95
C MET B 140 6.44 14.75 12.30
N MET B 141 5.42 14.06 11.78
CA MET B 141 4.26 14.75 11.23
C MET B 141 3.32 15.30 12.29
N ASN B 142 3.56 15.04 13.56
CA ASN B 142 2.65 15.46 14.63
C ASN B 142 1.24 14.93 14.37
N LEU B 143 1.16 13.64 14.08
CA LEU B 143 -0.13 13.00 13.85
C LEU B 143 -1.01 13.16 15.09
N GLN B 144 -2.24 13.59 14.86
CA GLN B 144 -3.22 13.79 15.93
C GLN B 144 -4.16 12.61 16.03
N GLY B 145 -4.70 12.40 17.24
CA GLY B 145 -5.58 11.26 17.47
C GLY B 145 -6.83 11.28 16.61
N GLU B 146 -7.34 12.47 16.30
CA GLU B 146 -8.49 12.57 15.41
C GLU B 146 -8.12 12.19 13.97
N GLU B 147 -6.90 12.52 13.54
CA GLU B 147 -6.45 12.08 12.22
C GLU B 147 -6.22 10.57 12.22
N PHE B 148 -5.68 10.05 13.32
CA PHE B 148 -5.37 8.63 13.41
C PHE B 148 -6.62 7.77 13.28
N VAL B 149 -7.71 8.16 13.96
CA VAL B 149 -8.93 7.34 13.87
C VAL B 149 -9.55 7.41 12.48
N CYS B 150 -9.44 8.56 11.81
CA CYS B 150 -9.89 8.62 10.41
C CYS B 150 -9.06 7.69 9.54
N LEU B 151 -7.73 7.72 9.69
CA LEU B 151 -6.88 6.82 8.91
C LEU B 151 -7.26 5.36 9.14
N LYS B 152 -7.52 4.99 10.39
CA LYS B 152 -7.79 3.58 10.69
C LYS B 152 -9.07 3.11 10.02
N SER B 153 -10.09 3.98 9.96
CA SER B 153 -11.34 3.62 9.30
CA SER B 153 -11.34 3.62 9.31
C SER B 153 -11.22 3.61 7.79
N ILE B 154 -10.39 4.50 7.24
CA ILE B 154 -10.09 4.45 5.80
C ILE B 154 -9.50 3.09 5.45
N ILE B 155 -8.55 2.60 6.26
CA ILE B 155 -7.95 1.28 6.04
C ILE B 155 -9.03 0.20 5.99
N LEU B 156 -9.92 0.20 6.99
CA LEU B 156 -10.99 -0.79 7.07
C LEU B 156 -11.83 -0.80 5.81
N LEU B 157 -12.27 0.37 5.36
CA LEU B 157 -13.14 0.43 4.19
C LEU B 157 -12.38 0.34 2.88
N ASN B 158 -11.11 0.74 2.84
CA ASN B 158 -10.42 0.80 1.56
C ASN B 158 -9.73 -0.49 1.17
N SER B 159 -9.10 -1.19 2.12
CA SER B 159 -8.14 -2.20 1.72
C SER B 159 -8.79 -3.35 0.96
N GLY B 160 -10.06 -3.67 1.24
CA GLY B 160 -10.73 -4.70 0.49
C GLY B 160 -11.72 -4.23 -0.55
N VAL B 161 -11.87 -2.93 -0.78
CA VAL B 161 -12.97 -2.45 -1.59
C VAL B 161 -12.77 -2.76 -3.07
N TYR B 162 -11.51 -2.86 -3.53
CA TYR B 162 -11.21 -3.21 -4.92
C TYR B 162 -11.18 -4.70 -5.14
N THR B 163 -11.42 -5.51 -4.11
CA THR B 163 -11.46 -6.96 -4.24
C THR B 163 -12.91 -7.44 -4.43
N PHE B 164 -13.75 -6.57 -4.97
CA PHE B 164 -15.15 -6.90 -5.20
C PHE B 164 -15.34 -7.48 -6.60
N LYS B 175 -20.02 -1.15 -3.80
CA LYS B 175 -18.84 -0.30 -3.89
C LYS B 175 -19.23 1.15 -3.67
N ASP B 176 -20.31 1.55 -4.34
CA ASP B 176 -20.85 2.91 -4.26
C ASP B 176 -20.92 3.41 -2.82
N HIS B 177 -21.53 2.62 -1.94
CA HIS B 177 -21.69 3.02 -0.55
C HIS B 177 -20.34 3.24 0.13
N ILE B 178 -19.41 2.29 -0.04
CA ILE B 178 -18.14 2.39 0.66
C ILE B 178 -17.34 3.59 0.15
N HIS B 179 -17.41 3.86 -1.16
CA HIS B 179 -16.68 5.00 -1.69
C HIS B 179 -17.28 6.32 -1.21
N ARG B 180 -18.61 6.37 -1.01
CA ARG B 180 -19.20 7.56 -0.43
C ARG B 180 -18.78 7.75 1.03
N VAL B 181 -18.77 6.66 1.80
CA VAL B 181 -18.29 6.76 3.18
C VAL B 181 -16.81 7.18 3.18
N LEU B 182 -16.04 6.64 2.24
CA LEU B 182 -14.63 7.01 2.12
C LEU B 182 -14.48 8.50 1.83
N ASP B 183 -15.24 9.01 0.87
CA ASP B 183 -15.27 10.45 0.62
C ASP B 183 -15.65 11.21 1.88
N LYS B 184 -16.65 10.72 2.60
CA LYS B 184 -17.06 11.37 3.84
C LYS B 184 -15.90 11.45 4.82
N ILE B 185 -15.08 10.40 4.90
CA ILE B 185 -13.94 10.44 5.83
C ILE B 185 -12.86 11.41 5.35
N THR B 186 -12.65 11.50 4.02
CA THR B 186 -11.73 12.51 3.50
C THR B 186 -12.19 13.90 3.90
N ASP B 187 -13.47 14.20 3.69
CA ASP B 187 -14.03 15.46 4.14
C ASP B 187 -13.74 15.68 5.61
N THR B 188 -13.86 14.62 6.41
CA THR B 188 -13.61 14.75 7.84
C THR B 188 -12.14 15.07 8.12
N LEU B 189 -11.21 14.41 7.42
CA LEU B 189 -9.80 14.72 7.58
C LEU B 189 -9.50 16.17 7.24
N ILE B 190 -9.97 16.63 6.07
CA ILE B 190 -9.81 18.03 5.69
C ILE B 190 -10.38 18.95 6.78
N HIS B 191 -11.62 18.69 7.19
CA HIS B 191 -12.26 19.43 8.27
C HIS B 191 -11.36 19.54 9.50
N LEU B 192 -10.69 18.45 9.86
CA LEU B 192 -9.80 18.48 11.02
C LEU B 192 -8.56 19.33 10.76
N MET B 193 -8.07 19.37 9.52
CA MET B 193 -6.88 20.16 9.25
C MET B 193 -7.21 21.64 9.16
N ALA B 194 -8.37 21.97 8.57
CA ALA B 194 -8.83 23.35 8.55
C ALA B 194 -9.03 23.89 9.96
N LYS B 195 -9.75 23.13 10.80
CA LYS B 195 -9.93 23.51 12.20
C LYS B 195 -8.59 23.81 12.87
N ALA B 196 -7.55 23.04 12.54
CA ALA B 196 -6.23 23.24 13.11
C ALA B 196 -5.49 24.43 12.52
N GLY B 197 -6.13 25.20 11.63
CA GLY B 197 -5.55 26.42 11.10
C GLY B 197 -4.68 26.26 9.88
N LEU B 198 -4.57 25.06 9.32
CA LEU B 198 -3.67 24.86 8.19
C LEU B 198 -4.18 25.58 6.95
N THR B 199 -3.24 26.07 6.13
CA THR B 199 -3.60 26.67 4.87
C THR B 199 -4.06 25.61 3.87
N LEU B 200 -4.79 26.05 2.85
CA LEU B 200 -5.25 25.15 1.80
C LEU B 200 -4.11 24.33 1.21
N GLN B 201 -2.98 24.96 0.90
CA GLN B 201 -1.85 24.19 0.38
C GLN B 201 -1.37 23.16 1.41
N GLN B 202 -1.34 23.56 2.68
CA GLN B 202 -0.93 22.64 3.73
C GLN B 202 -1.95 21.52 3.91
N GLN B 203 -3.22 21.83 3.67
CA GLN B 203 -4.29 20.84 3.87
C GLN B 203 -4.14 19.69 2.88
N HIS B 204 -4.02 19.99 1.58
CA HIS B 204 -3.93 18.89 0.63
C HIS B 204 -2.55 18.24 0.65
N GLN B 205 -1.49 18.99 0.98
CA GLN B 205 -0.18 18.38 1.16
C GLN B 205 -0.17 17.40 2.34
N ARG B 206 -0.78 17.79 3.46
CA ARG B 206 -0.80 16.88 4.60
C ARG B 206 -1.71 15.68 4.34
N LEU B 207 -2.85 15.91 3.68
CA LEU B 207 -3.72 14.80 3.30
C LEU B 207 -2.95 13.78 2.46
N ALA B 208 -2.16 14.26 1.50
CA ALA B 208 -1.38 13.37 0.66
C ALA B 208 -0.36 12.59 1.47
N GLN B 209 0.40 13.29 2.32
CA GLN B 209 1.41 12.62 3.15
C GLN B 209 0.77 11.53 3.99
N LEU B 210 -0.40 11.80 4.58
CA LEU B 210 -1.05 10.82 5.43
C LEU B 210 -1.46 9.58 4.64
N LEU B 211 -2.10 9.79 3.48
CA LEU B 211 -2.58 8.67 2.70
C LEU B 211 -1.44 7.87 2.08
N LEU B 212 -0.31 8.52 1.79
CA LEU B 212 0.83 7.78 1.26
C LEU B 212 1.41 6.81 2.29
N ILE B 213 1.29 7.10 3.58
CA ILE B 213 1.77 6.16 4.59
C ILE B 213 0.93 4.89 4.58
N LEU B 214 -0.33 4.99 4.14
CA LEU B 214 -1.17 3.80 4.05
C LEU B 214 -0.61 2.79 3.07
N SER B 215 0.13 3.26 2.05
CA SER B 215 0.85 2.37 1.16
C SER B 215 1.92 1.59 1.91
N HIS B 216 2.67 2.27 2.78
CA HIS B 216 3.68 1.58 3.58
CA HIS B 216 3.68 1.59 3.58
C HIS B 216 3.04 0.65 4.60
N ILE B 217 1.89 1.04 5.16
CA ILE B 217 1.20 0.14 6.10
C ILE B 217 0.74 -1.11 5.38
N ARG B 218 0.20 -0.98 4.16
CA ARG B 218 -0.12 -2.16 3.34
C ARG B 218 1.11 -3.06 3.16
N HIS B 219 2.26 -2.46 2.84
CA HIS B 219 3.46 -3.27 2.63
C HIS B 219 3.83 -4.03 3.90
N MET B 220 3.82 -3.34 5.05
CA MET B 220 4.17 -4.01 6.31
C MET B 220 3.23 -5.15 6.62
N SER B 221 1.94 -4.96 6.33
CA SER B 221 0.97 -6.03 6.59
CA SER B 221 0.97 -6.03 6.58
C SER B 221 1.25 -7.24 5.72
N ASN B 222 1.61 -7.03 4.46
CA ASN B 222 1.91 -8.15 3.57
C ASN B 222 3.13 -8.92 4.08
N LYS B 223 4.19 -8.20 4.45
CA LYS B 223 5.35 -8.85 5.04
C LYS B 223 5.00 -9.54 6.35
N GLY B 224 4.18 -8.89 7.17
CA GLY B 224 3.76 -9.50 8.42
C GLY B 224 2.94 -10.75 8.20
N MET B 225 2.06 -10.73 7.20
CA MET B 225 1.29 -11.92 6.87
C MET B 225 2.21 -13.07 6.48
N GLU B 226 3.25 -12.78 5.70
CA GLU B 226 4.20 -13.82 5.28
C GLU B 226 4.93 -14.40 6.50
N HIS B 227 5.38 -13.53 7.40
CA HIS B 227 6.05 -13.97 8.61
C HIS B 227 5.15 -14.85 9.47
N LEU B 228 3.91 -14.40 9.68
CA LEU B 228 2.97 -15.18 10.51
C LEU B 228 2.71 -16.55 9.88
N TYR B 229 2.68 -16.61 8.55
CA TYR B 229 2.47 -17.88 7.87
C TYR B 229 3.67 -18.80 8.07
N SER B 230 4.88 -18.27 7.97
CA SER B 230 6.06 -19.10 8.19
C SER B 230 6.11 -19.61 9.62
N MET B 231 5.75 -18.76 10.59
CA MET B 231 5.70 -19.22 11.97
C MET B 231 4.60 -20.24 12.20
N LYS B 232 3.53 -20.18 11.41
CA LYS B 232 2.53 -21.23 11.49
C LYS B 232 3.18 -22.54 11.02
N LYS B 234 6.37 -23.22 10.94
CA LYS B 234 7.43 -23.59 11.88
C LYS B 234 6.87 -24.31 13.11
N ASN B 235 5.55 -24.18 13.33
CA ASN B 235 4.87 -24.69 14.53
C ASN B 235 5.60 -24.27 15.80
N VAL B 236 6.04 -23.01 15.84
CA VAL B 236 6.73 -22.47 17.00
C VAL B 236 5.77 -22.28 18.19
N VAL B 237 4.51 -21.96 17.93
CA VAL B 237 3.56 -21.66 18.98
C VAL B 237 2.18 -22.08 18.45
N PRO B 238 1.28 -22.58 19.29
CA PRO B 238 -0.10 -22.81 18.81
C PRO B 238 -0.80 -21.48 18.62
N LEU B 239 -1.46 -21.33 17.48
CA LEU B 239 -2.22 -20.13 17.17
C LEU B 239 -3.70 -20.41 17.36
N SER B 240 -4.44 -19.40 17.80
CA SER B 240 -5.87 -19.55 17.98
C SER B 240 -6.55 -19.80 16.64
N ASP B 241 -7.74 -20.41 16.70
CA ASP B 241 -8.46 -20.68 15.46
C ASP B 241 -8.91 -19.38 14.79
N LEU B 242 -9.26 -18.37 15.58
CA LEU B 242 -9.58 -17.06 15.02
C LEU B 242 -8.39 -16.49 14.26
N LEU B 243 -7.22 -16.45 14.91
CA LEU B 243 -6.03 -15.92 14.24
C LEU B 243 -5.68 -16.75 13.03
N LEU B 244 -5.84 -18.08 13.12
CA LEU B 244 -5.56 -18.94 11.98
C LEU B 244 -6.52 -18.65 10.83
N GLU B 245 -7.79 -18.42 11.14
CA GLU B 245 -8.75 -18.16 10.08
C GLU B 245 -8.54 -16.78 9.45
N MET B 246 -8.11 -15.79 10.26
CA MET B 246 -7.75 -14.50 9.70
C MET B 246 -6.54 -14.63 8.77
N LEU B 247 -5.58 -15.48 9.16
CA LEU B 247 -4.42 -15.73 8.32
C LEU B 247 -4.81 -16.46 7.04
N ASP B 248 -5.63 -17.51 7.15
CA ASP B 248 -5.96 -18.34 6.00
C ASP B 248 -6.68 -17.55 4.90
N ALA B 249 -7.43 -16.52 5.27
CA ALA B 249 -8.14 -15.72 4.27
C ALA B 249 -7.19 -15.01 3.31
N HIS B 250 -5.92 -14.87 3.66
CA HIS B 250 -4.96 -14.28 2.74
C HIS B 250 -4.23 -15.33 1.89
N ARG B 251 -4.63 -16.59 2.01
CA ARG B 251 -4.18 -17.67 1.12
C ARG B 251 -2.66 -17.76 1.00
N LYS C 3 26.11 -5.36 -9.88
CA LYS C 3 24.65 -5.26 -9.93
C LYS C 3 24.19 -4.61 -11.24
N ILE C 4 23.36 -5.34 -11.98
CA ILE C 4 22.93 -4.89 -13.31
C ILE C 4 22.23 -3.54 -13.22
N LEU C 5 21.28 -3.41 -12.31
CA LEU C 5 20.57 -2.14 -12.14
C LEU C 5 21.53 -1.01 -11.78
N HIS C 6 22.47 -1.28 -10.89
CA HIS C 6 23.53 -0.34 -10.56
C HIS C 6 24.22 0.17 -11.82
N ARG C 7 24.61 -0.76 -12.69
CA ARG C 7 25.24 -0.42 -13.95
C ARG C 7 24.32 0.45 -14.81
N LEU C 8 23.09 -0.02 -15.04
CA LEU C 8 22.18 0.66 -15.96
C LEU C 8 21.90 2.09 -15.52
N LEU C 9 21.80 2.31 -14.21
CA LEU C 9 21.61 3.67 -13.71
C LEU C 9 22.82 4.54 -13.99
N GLN C 10 24.02 3.95 -14.00
CA GLN C 10 25.25 4.74 -14.14
C GLN C 10 25.47 5.18 -15.58
N GLU C 11 25.14 4.36 -16.57
CA GLU C 11 25.25 4.86 -17.94
C GLU C 11 23.98 5.63 -18.30
N HIS D 2 -19.05 -20.74 8.50
CA HIS D 2 -18.39 -21.59 9.49
C HIS D 2 -17.38 -20.80 10.32
N LYS D 3 -16.92 -19.68 9.77
CA LYS D 3 -15.80 -18.94 10.36
C LYS D 3 -16.20 -18.26 11.66
N ILE D 4 -15.26 -18.25 12.62
CA ILE D 4 -15.45 -17.54 13.87
C ILE D 4 -15.76 -16.07 13.64
N LEU D 5 -15.17 -15.48 12.60
CA LEU D 5 -15.44 -14.07 12.29
C LEU D 5 -16.92 -13.84 11.99
N HIS D 6 -17.54 -14.75 11.22
CA HIS D 6 -18.98 -14.66 10.99
C HIS D 6 -19.75 -14.55 12.31
N ARG D 7 -19.36 -15.35 13.29
CA ARG D 7 -20.10 -15.39 14.55
C ARG D 7 -19.83 -14.18 15.41
N LEU D 8 -18.56 -13.74 15.46
CA LEU D 8 -18.25 -12.58 16.29
C LEU D 8 -18.86 -11.30 15.72
N LEU D 9 -18.99 -11.21 14.39
CA LEU D 9 -19.64 -10.05 13.79
C LEU D 9 -21.12 -10.00 14.11
N GLN D 10 -21.75 -11.17 14.33
CA GLN D 10 -23.17 -11.22 14.65
C GLN D 10 -23.46 -11.04 16.12
N GLU D 11 -22.52 -11.42 17.00
CA GLU D 11 -22.67 -11.16 18.43
C GLU D 11 -22.60 -9.67 18.74
#